data_4IV4
#
_entry.id   4IV4
#
_cell.length_a   54.356
_cell.length_b   80.508
_cell.length_c   58.192
_cell.angle_alpha   90.00
_cell.angle_beta   109.84
_cell.angle_gamma   90.00
#
_symmetry.space_group_name_H-M   'P 1 21 1'
#
loop_
_entity.id
_entity.type
_entity.pdbx_description
1 polymer 'Estrogen receptor'
2 polymer 'Nuclear receptor coactivator 2'
3 non-polymer 4-[2-(2-methylpropyl)-7-(trifluoromethyl)-2H-indazol-3-yl]benzene-1,3-diol
4 water water
#
loop_
_entity_poly.entity_id
_entity_poly.type
_entity_poly.pdbx_seq_one_letter_code
_entity_poly.pdbx_strand_id
1 'polypeptide(L)'
;KNSLALSLTADQMVSALLDAEPPILYSEYDPTRPFSEASMMGLLTNLADRELVHMINWAKRVPGFVDLTLHDQVHLLECA
WLEILMIGLVWRSMEHPGKLLFAPNLLLDRNQGKCVEGMVEIFDMLLATSSRFRMMNLQGEEFVCLKSIILLNSGVYTFL
SSTLKSLEEKDHIHRVLDKITDTLIHLMAKAGLTLQQQHQRLAQLLLILSHIRHMSNKGMEHLYSMKCKNVVPLSDLLLE
MLDAHRL
;
A,B
2 'polypeptide(L)' HKILHRLLQD C,D
#
loop_
_chem_comp.id
_chem_comp.type
_chem_comp.name
_chem_comp.formula
1GS non-polymer 4-[2-(2-methylpropyl)-7-(trifluoromethyl)-2H-indazol-3-yl]benzene-1,3-diol 'C18 H17 F3 N2 O2'
#
# COMPACT_ATOMS: atom_id res chain seq x y z
N SER A 3 8.79 20.22 -17.80
CA SER A 3 9.68 19.54 -16.87
C SER A 3 10.69 18.62 -17.58
N LEU A 4 11.97 18.84 -17.29
CA LEU A 4 13.05 18.07 -17.94
C LEU A 4 12.80 16.57 -17.95
N ALA A 5 12.25 16.05 -16.85
CA ALA A 5 12.00 14.62 -16.73
C ALA A 5 11.26 14.05 -17.93
N LEU A 6 10.24 14.78 -18.39
CA LEU A 6 9.39 14.33 -19.48
C LEU A 6 10.11 14.28 -20.83
N SER A 7 11.23 14.99 -20.94
CA SER A 7 11.99 15.00 -22.19
C SER A 7 13.11 13.97 -22.20
N LEU A 8 13.34 13.34 -21.05
CA LEU A 8 14.38 12.32 -20.94
C LEU A 8 13.97 11.05 -21.65
N THR A 9 14.95 10.39 -22.28
CA THR A 9 14.70 9.08 -22.86
C THR A 9 14.73 8.03 -21.76
N ALA A 10 14.22 6.84 -22.06
CA ALA A 10 14.19 5.77 -21.05
C ALA A 10 15.58 5.52 -20.46
N ASP A 11 16.59 5.47 -21.32
CA ASP A 11 17.96 5.20 -20.89
C ASP A 11 18.62 6.40 -20.19
N GLN A 12 18.18 7.61 -20.53
CA GLN A 12 18.64 8.78 -19.79
C GLN A 12 18.02 8.77 -18.39
N MET A 13 16.75 8.39 -18.32
CA MET A 13 16.05 8.28 -17.06
C MET A 13 16.72 7.27 -16.14
N VAL A 14 17.02 6.09 -16.68
CA VAL A 14 17.67 5.03 -15.91
C VAL A 14 19.05 5.47 -15.41
N SER A 15 19.77 6.22 -16.22
CA SER A 15 21.10 6.70 -15.86
C SER A 15 21.04 7.72 -14.73
N ALA A 16 20.12 8.68 -14.85
CA ALA A 16 19.96 9.71 -13.82
C ALA A 16 19.66 9.09 -12.47
N LEU A 17 18.79 8.08 -12.46
CA LEU A 17 18.43 7.39 -11.23
C LEU A 17 19.60 6.60 -10.64
N LEU A 18 20.33 5.91 -11.49
CA LEU A 18 21.50 5.16 -11.04
C LEU A 18 22.52 6.12 -10.44
N ASP A 19 22.64 7.30 -11.04
CA ASP A 19 23.64 8.28 -10.63
C ASP A 19 23.25 8.98 -9.33
N ALA A 20 21.95 9.15 -9.12
CA ALA A 20 21.46 9.81 -7.92
C ALA A 20 21.47 8.88 -6.71
N GLU A 21 21.69 7.59 -6.98
CA GLU A 21 21.65 6.56 -5.96
C GLU A 21 22.58 6.88 -4.78
N PRO A 22 22.04 6.85 -3.56
CA PRO A 22 22.82 7.02 -2.33
C PRO A 22 23.75 5.82 -2.13
N PRO A 23 24.82 5.99 -1.33
CA PRO A 23 25.76 4.91 -1.04
C PRO A 23 25.26 4.02 0.08
N ILE A 24 25.85 2.84 0.22
CA ILE A 24 25.54 1.96 1.34
C ILE A 24 26.40 2.33 2.55
N LEU A 25 25.75 2.77 3.62
CA LEU A 25 26.46 3.23 4.80
C LEU A 25 26.73 2.11 5.80
N TYR A 26 27.72 2.31 6.66
CA TYR A 26 28.06 1.34 7.69
C TYR A 26 27.48 1.72 9.04
N SER A 27 27.27 0.72 9.90
CA SER A 27 26.73 0.96 11.23
C SER A 27 27.72 1.73 12.10
N THR A 32 28.81 -5.87 16.95
CA THR A 32 28.25 -6.14 18.27
C THR A 32 26.79 -6.58 18.17
N ARG A 33 26.59 -7.88 18.01
CA ARG A 33 25.25 -8.46 17.86
C ARG A 33 24.23 -7.81 18.79
N PRO A 34 23.31 -7.02 18.22
CA PRO A 34 22.29 -6.29 18.97
C PRO A 34 21.16 -7.16 19.50
N PHE A 35 21.01 -7.15 20.82
CA PHE A 35 19.81 -7.67 21.48
C PHE A 35 19.35 -6.59 22.44
N SER A 36 18.05 -6.52 22.69
CA SER A 36 17.49 -5.47 23.55
C SER A 36 17.15 -4.22 22.73
N GLU A 37 16.14 -3.49 23.17
CA GLU A 37 15.66 -2.32 22.45
C GLU A 37 16.74 -1.24 22.30
N ALA A 38 17.45 -0.97 23.40
CA ALA A 38 18.45 0.09 23.42
C ALA A 38 19.52 -0.08 22.34
N SER A 39 20.25 -1.20 22.40
CA SER A 39 21.33 -1.45 21.46
C SER A 39 20.84 -1.44 20.01
N MET A 40 19.76 -2.16 19.74
CA MET A 40 19.24 -2.28 18.38
C MET A 40 18.73 -0.95 17.84
N MET A 41 17.91 -0.26 18.63
CA MET A 41 17.31 0.99 18.19
C MET A 41 18.34 2.11 18.11
N GLY A 42 19.32 2.09 19.01
CA GLY A 42 20.40 3.03 18.97
C GLY A 42 21.11 2.93 17.63
N LEU A 43 21.38 1.70 17.20
CA LEU A 43 22.04 1.45 15.94
C LEU A 43 21.15 1.80 14.75
N LEU A 44 19.90 1.37 14.81
CA LEU A 44 18.96 1.59 13.71
C LEU A 44 18.66 3.06 13.47
N THR A 45 18.52 3.84 14.55
CA THR A 45 18.23 5.26 14.43
C THR A 45 19.44 6.04 13.91
N ASN A 46 20.61 5.75 14.46
CA ASN A 46 21.85 6.38 14.01
C ASN A 46 22.07 6.17 12.51
N LEU A 47 21.89 4.93 12.07
CA LEU A 47 22.00 4.59 10.66
C LEU A 47 20.99 5.37 9.82
N ALA A 48 19.73 5.33 10.24
CA ALA A 48 18.66 6.04 9.53
C ALA A 48 18.92 7.54 9.48
N ASP A 49 19.42 8.10 10.57
CA ASP A 49 19.76 9.51 10.62
C ASP A 49 20.66 9.91 9.47
N ARG A 50 21.77 9.20 9.32
CA ARG A 50 22.73 9.48 8.26
C ARG A 50 22.15 9.20 6.88
N GLU A 51 21.40 8.11 6.77
CA GLU A 51 20.78 7.75 5.49
C GLU A 51 19.80 8.82 5.01
N LEU A 52 19.10 9.43 5.94
CA LEU A 52 18.11 10.45 5.59
C LEU A 52 18.73 11.64 4.87
N VAL A 53 19.95 12.00 5.25
CA VAL A 53 20.65 13.11 4.61
C VAL A 53 20.99 12.76 3.17
N HIS A 54 21.34 11.50 2.93
CA HIS A 54 21.61 11.02 1.57
C HIS A 54 20.31 10.93 0.77
N MET A 55 19.29 10.35 1.39
CA MET A 55 17.99 10.22 0.74
C MET A 55 17.49 11.57 0.25
N ILE A 56 17.57 12.58 1.11
CA ILE A 56 17.13 13.93 0.77
C ILE A 56 17.82 14.45 -0.49
N ASN A 57 19.14 14.33 -0.52
CA ASN A 57 19.90 14.79 -1.68
C ASN A 57 19.76 13.87 -2.89
N TRP A 58 19.34 12.63 -2.63
CA TRP A 58 18.98 11.71 -3.70
C TRP A 58 17.67 12.16 -4.34
N ALA A 59 16.67 12.40 -3.50
CA ALA A 59 15.38 12.86 -3.98
C ALA A 59 15.51 14.08 -4.88
N LYS A 60 16.39 15.01 -4.51
CA LYS A 60 16.62 16.22 -5.30
C LYS A 60 17.21 15.91 -6.68
N ARG A 61 17.67 14.68 -6.86
CA ARG A 61 18.24 14.27 -8.14
C ARG A 61 17.34 13.29 -8.89
N VAL A 62 16.13 13.12 -8.39
CA VAL A 62 15.09 12.36 -9.09
C VAL A 62 14.36 13.31 -10.04
N PRO A 63 14.43 13.02 -11.35
CA PRO A 63 13.85 13.91 -12.37
C PRO A 63 12.40 14.25 -12.08
N GLY A 64 12.08 15.55 -12.08
CA GLY A 64 10.73 16.00 -11.85
C GLY A 64 10.49 16.45 -10.42
N PHE A 65 11.11 15.77 -9.47
CA PHE A 65 10.99 16.11 -8.05
C PHE A 65 11.35 17.58 -7.80
N VAL A 66 12.47 18.01 -8.37
CA VAL A 66 12.97 19.38 -8.20
C VAL A 66 12.00 20.43 -8.75
N ASP A 67 11.12 20.00 -9.64
CA ASP A 67 10.17 20.92 -10.27
C ASP A 67 9.00 21.25 -9.35
N LEU A 68 8.83 20.44 -8.32
CA LEU A 68 7.79 20.67 -7.32
C LEU A 68 8.18 21.80 -6.39
N THR A 69 7.19 22.44 -5.78
CA THR A 69 7.47 23.47 -4.77
C THR A 69 8.16 22.83 -3.59
N LEU A 70 8.83 23.63 -2.77
CA LEU A 70 9.51 23.12 -1.59
C LEU A 70 8.54 22.42 -0.65
N HIS A 71 7.39 23.04 -0.44
CA HIS A 71 6.37 22.46 0.45
C HIS A 71 5.91 21.09 -0.04
N ASP A 72 5.80 20.93 -1.35
CA ASP A 72 5.41 19.65 -1.93
C ASP A 72 6.53 18.61 -1.83
N GLN A 73 7.77 19.06 -2.01
CA GLN A 73 8.92 18.18 -1.82
C GLN A 73 8.96 17.70 -0.38
N VAL A 74 8.74 18.62 0.54
CA VAL A 74 8.70 18.30 1.97
C VAL A 74 7.64 17.27 2.28
N HIS A 75 6.46 17.44 1.69
CA HIS A 75 5.34 16.55 1.94
C HIS A 75 5.63 15.12 1.48
N LEU A 76 6.17 14.98 0.27
CA LEU A 76 6.45 13.67 -0.29
C LEU A 76 7.53 12.94 0.52
N LEU A 77 8.56 13.69 0.93
CA LEU A 77 9.62 13.11 1.73
C LEU A 77 9.09 12.64 3.08
N GLU A 78 8.30 13.49 3.73
CA GLU A 78 7.69 13.15 5.02
C GLU A 78 6.82 11.90 4.94
N CYS A 79 6.13 11.73 3.81
CA CYS A 79 5.21 10.61 3.64
CA CYS A 79 5.21 10.62 3.64
C CYS A 79 5.93 9.31 3.29
N ALA A 80 7.02 9.41 2.54
CA ALA A 80 7.67 8.23 1.99
C ALA A 80 8.98 7.79 2.66
N TRP A 81 9.51 8.60 3.57
CA TRP A 81 10.85 8.36 4.09
C TRP A 81 11.09 6.94 4.62
N LEU A 82 10.15 6.41 5.38
CA LEU A 82 10.33 5.07 5.95
C LEU A 82 10.16 3.96 4.91
N GLU A 83 9.29 4.18 3.94
CA GLU A 83 9.11 3.22 2.85
C GLU A 83 10.40 3.14 2.04
N ILE A 84 11.04 4.28 1.82
CA ILE A 84 12.26 4.36 1.04
C ILE A 84 13.45 3.73 1.77
N LEU A 85 13.46 3.87 3.09
CA LEU A 85 14.49 3.21 3.89
C LEU A 85 14.29 1.70 3.87
N MET A 86 13.04 1.28 3.98
CA MET A 86 12.71 -0.14 4.04
C MET A 86 12.95 -0.88 2.72
N ILE A 87 12.60 -0.25 1.60
CA ILE A 87 12.81 -0.88 0.30
C ILE A 87 14.30 -0.98 -0.02
N GLY A 88 15.07 -0.05 0.53
CA GLY A 88 16.52 -0.10 0.41
C GLY A 88 17.07 -1.26 1.23
N LEU A 89 16.59 -1.36 2.47
CA LEU A 89 16.99 -2.45 3.35
C LEU A 89 16.68 -3.81 2.72
N VAL A 90 15.47 -3.95 2.20
CA VAL A 90 15.04 -5.18 1.55
C VAL A 90 15.90 -5.49 0.34
N TRP A 91 16.24 -4.46 -0.42
CA TRP A 91 17.12 -4.61 -1.58
C TRP A 91 18.50 -5.10 -1.18
N ARG A 92 19.06 -4.49 -0.14
CA ARG A 92 20.38 -4.88 0.34
C ARG A 92 20.41 -6.31 0.86
N SER A 93 19.26 -6.80 1.30
CA SER A 93 19.17 -8.09 1.98
C SER A 93 18.86 -9.25 1.05
N MET A 94 18.70 -8.97 -0.24
CA MET A 94 18.34 -10.00 -1.21
C MET A 94 19.27 -11.20 -1.18
N GLU A 95 20.58 -10.92 -1.21
CA GLU A 95 21.57 -11.98 -1.27
C GLU A 95 21.82 -12.63 0.08
N HIS A 96 21.04 -12.23 1.08
CA HIS A 96 21.22 -12.74 2.44
C HIS A 96 19.91 -13.30 3.00
N PRO A 97 19.42 -14.41 2.43
CA PRO A 97 18.18 -15.07 2.83
C PRO A 97 18.07 -15.25 4.34
N GLY A 98 16.97 -14.77 4.91
CA GLY A 98 16.75 -14.87 6.34
C GLY A 98 17.55 -13.83 7.12
N LYS A 99 18.16 -12.91 6.39
CA LYS A 99 18.99 -11.88 7.00
C LYS A 99 18.57 -10.49 6.53
N LEU A 100 18.64 -9.53 7.44
CA LEU A 100 18.40 -8.13 7.09
C LEU A 100 19.71 -7.36 7.14
N LEU A 101 20.21 -6.97 5.97
CA LEU A 101 21.50 -6.28 5.88
C LEU A 101 21.32 -4.77 6.05
N PHE A 102 21.16 -4.34 7.30
CA PHE A 102 21.05 -2.91 7.60
C PHE A 102 22.29 -2.18 7.15
N ALA A 103 23.42 -2.89 7.16
CA ALA A 103 24.69 -2.35 6.69
C ALA A 103 25.67 -3.49 6.53
N PRO A 104 26.69 -3.30 5.68
CA PRO A 104 27.68 -4.35 5.42
C PRO A 104 28.20 -4.98 6.70
N ASN A 105 28.25 -4.20 7.77
CA ASN A 105 28.76 -4.69 9.05
C ASN A 105 27.65 -4.86 10.09
N LEU A 106 26.41 -4.94 9.62
CA LEU A 106 25.28 -5.15 10.51
C LEU A 106 24.17 -5.98 9.85
N LEU A 107 24.26 -7.30 10.01
CA LEU A 107 23.23 -8.21 9.53
C LEU A 107 22.45 -8.81 10.70
N LEU A 108 21.15 -8.59 10.72
CA LEU A 108 20.30 -9.13 11.76
C LEU A 108 19.37 -10.21 11.20
N ASP A 109 19.02 -11.17 12.04
CA ASP A 109 17.98 -12.13 11.69
C ASP A 109 16.78 -11.91 12.62
N ARG A 110 15.74 -12.72 12.43
CA ARG A 110 14.53 -12.55 13.21
C ARG A 110 14.73 -12.85 14.70
N ASN A 111 15.74 -13.67 14.99
CA ASN A 111 16.04 -14.05 16.37
C ASN A 111 16.46 -12.86 17.22
N GLN A 112 16.84 -11.77 16.58
CA GLN A 112 17.22 -10.55 17.27
C GLN A 112 16.04 -9.61 17.42
N GLY A 113 15.15 -9.61 16.43
CA GLY A 113 13.92 -8.85 16.53
C GLY A 113 13.04 -9.41 17.62
N LYS A 114 13.22 -10.69 17.91
CA LYS A 114 12.47 -11.39 18.94
C LYS A 114 12.58 -10.72 20.31
N CYS A 115 13.74 -10.13 20.57
N CYS A 115 13.74 -10.12 20.58
CA CYS A 115 14.01 -9.51 21.87
CA CYS A 115 14.00 -9.52 21.88
C CYS A 115 13.50 -8.08 21.97
C CYS A 115 13.50 -8.08 21.97
N VAL A 116 12.81 -7.63 20.93
CA VAL A 116 12.24 -6.27 20.92
C VAL A 116 10.74 -6.33 20.68
N GLU A 117 9.97 -5.97 21.71
CA GLU A 117 8.52 -6.04 21.66
C GLU A 117 7.93 -5.46 20.37
N GLY A 118 7.20 -6.29 19.65
CA GLY A 118 6.51 -5.87 18.43
C GLY A 118 7.45 -5.50 17.31
N MET A 119 8.53 -6.25 17.15
CA MET A 119 9.51 -5.98 16.12
C MET A 119 9.65 -7.17 15.16
N VAL A 120 9.57 -8.37 15.71
CA VAL A 120 9.76 -9.59 14.93
C VAL A 120 8.76 -9.69 13.78
N GLU A 121 7.54 -9.25 14.01
CA GLU A 121 6.50 -9.28 12.99
C GLU A 121 6.91 -8.46 11.78
N ILE A 122 7.49 -7.28 12.03
CA ILE A 122 7.94 -6.41 10.95
C ILE A 122 9.22 -6.94 10.31
N PHE A 123 10.07 -7.57 11.12
CA PHE A 123 11.25 -8.26 10.59
C PHE A 123 10.81 -9.33 9.60
N ASP A 124 9.81 -10.11 9.98
CA ASP A 124 9.29 -11.18 9.12
C ASP A 124 8.75 -10.62 7.80
N MET A 125 8.04 -9.50 7.90
CA MET A 125 7.49 -8.86 6.70
C MET A 125 8.58 -8.43 5.75
N LEU A 126 9.66 -7.86 6.30
CA LEU A 126 10.79 -7.39 5.50
C LEU A 126 11.52 -8.56 4.86
N LEU A 127 11.68 -9.64 5.61
CA LEU A 127 12.34 -10.84 5.10
C LEU A 127 11.54 -11.47 3.96
N ALA A 128 10.22 -11.43 4.09
CA ALA A 128 9.34 -11.98 3.06
C ALA A 128 9.45 -11.19 1.76
N THR A 129 9.43 -9.87 1.88
CA THR A 129 9.58 -9.00 0.72
C THR A 129 10.93 -9.23 0.06
N SER A 130 11.96 -9.39 0.90
CA SER A 130 13.31 -9.61 0.42
C SER A 130 13.39 -10.87 -0.44
N SER A 131 12.79 -11.95 0.06
CA SER A 131 12.77 -13.21 -0.68
C SER A 131 12.00 -13.06 -1.97
N ARG A 132 10.86 -12.35 -1.91
CA ARG A 132 10.05 -12.09 -3.08
C ARG A 132 10.86 -11.37 -4.16
N PHE A 133 11.53 -10.29 -3.76
CA PHE A 133 12.43 -9.58 -4.66
C PHE A 133 13.41 -10.56 -5.30
N ARG A 134 13.85 -11.53 -4.51
CA ARG A 134 14.89 -12.45 -4.94
C ARG A 134 14.38 -13.46 -5.95
N MET A 135 13.26 -14.11 -5.62
CA MET A 135 12.66 -15.09 -6.52
C MET A 135 12.28 -14.45 -7.85
N MET A 136 12.16 -13.13 -7.86
CA MET A 136 11.81 -12.38 -9.06
C MET A 136 13.03 -11.96 -9.86
N ASN A 137 14.21 -12.21 -9.31
CA ASN A 137 15.44 -11.73 -9.93
C ASN A 137 15.38 -10.22 -10.16
N LEU A 138 14.88 -9.49 -9.17
CA LEU A 138 14.77 -8.05 -9.27
C LEU A 138 16.11 -7.42 -9.61
N GLN A 139 16.12 -6.58 -10.65
CA GLN A 139 17.36 -5.95 -11.11
C GLN A 139 17.55 -4.57 -10.48
N GLY A 140 18.82 -4.17 -10.35
CA GLY A 140 19.16 -2.89 -9.77
C GLY A 140 18.49 -1.71 -10.45
N GLU A 141 18.44 -1.75 -11.78
CA GLU A 141 17.79 -0.69 -12.53
C GLU A 141 16.29 -0.66 -12.24
N GLU A 142 15.71 -1.84 -12.04
CA GLU A 142 14.31 -1.94 -11.67
C GLU A 142 14.09 -1.34 -10.29
N PHE A 143 14.99 -1.64 -9.37
CA PHE A 143 14.91 -1.17 -8.00
C PHE A 143 14.84 0.36 -7.90
N VAL A 144 15.79 1.04 -8.54
CA VAL A 144 15.81 2.50 -8.51
C VAL A 144 14.50 3.10 -9.03
N CYS A 145 13.91 2.46 -10.04
CA CYS A 145 12.63 2.90 -10.58
C CYS A 145 11.52 2.81 -9.53
N LEU A 146 11.51 1.70 -8.78
CA LEU A 146 10.52 1.52 -7.72
C LEU A 146 10.69 2.58 -6.65
N LYS A 147 11.93 2.94 -6.39
CA LYS A 147 12.19 3.90 -5.33
C LYS A 147 11.64 5.28 -5.67
N SER A 148 11.90 5.72 -6.91
CA SER A 148 11.40 7.00 -7.36
CA SER A 148 11.40 7.00 -7.38
C SER A 148 9.87 6.99 -7.38
N ILE A 149 9.30 5.84 -7.75
CA ILE A 149 7.85 5.69 -7.76
C ILE A 149 7.25 5.92 -6.37
N ILE A 150 7.88 5.33 -5.36
CA ILE A 150 7.44 5.48 -3.98
C ILE A 150 7.49 6.94 -3.55
N LEU A 151 8.63 7.59 -3.82
CA LEU A 151 8.82 8.99 -3.47
C LEU A 151 7.71 9.86 -4.05
N LEU A 152 7.38 9.62 -5.32
CA LEU A 152 6.41 10.46 -6.04
C LEU A 152 4.96 10.08 -5.78
N ASN A 153 4.70 8.80 -5.53
CA ASN A 153 3.34 8.32 -5.41
C ASN A 153 2.76 8.38 -4.00
N SER A 154 3.57 8.00 -3.01
CA SER A 154 3.09 7.82 -1.64
C SER A 154 2.30 8.99 -1.08
N GLY A 155 2.70 10.22 -1.42
CA GLY A 155 2.05 11.40 -0.89
C GLY A 155 1.28 12.21 -1.92
N VAL A 156 1.11 11.65 -3.11
CA VAL A 156 0.45 12.35 -4.19
C VAL A 156 -1.05 12.52 -3.94
N TYR A 157 -1.62 11.62 -3.15
CA TYR A 157 -3.04 11.68 -2.83
C TYR A 157 -3.27 12.24 -1.43
N THR A 158 -2.18 12.43 -0.69
CA THR A 158 -2.25 13.08 0.61
C THR A 158 -2.22 14.59 0.41
N PHE A 159 -1.89 15.00 -0.82
CA PHE A 159 -1.85 16.42 -1.18
C PHE A 159 -1.45 17.30 0.00
N LYS A 170 -0.24 18.13 -9.40
CA LYS A 170 -0.81 16.79 -9.47
C LYS A 170 -0.58 16.15 -10.84
N ASP A 171 -1.01 16.86 -11.89
CA ASP A 171 -0.82 16.41 -13.26
C ASP A 171 0.65 16.06 -13.49
N HIS A 172 1.54 16.98 -13.13
CA HIS A 172 2.97 16.80 -13.32
C HIS A 172 3.47 15.48 -12.73
N ILE A 173 3.15 15.24 -11.47
CA ILE A 173 3.56 14.01 -10.79
C ILE A 173 3.06 12.77 -11.52
N HIS A 174 1.82 12.82 -11.97
CA HIS A 174 1.20 11.68 -12.65
C HIS A 174 1.90 11.35 -13.97
N ARG A 175 2.31 12.37 -14.71
CA ARG A 175 3.01 12.17 -15.97
C ARG A 175 4.42 11.61 -15.74
N VAL A 176 5.11 12.17 -14.76
CA VAL A 176 6.44 11.68 -14.40
C VAL A 176 6.36 10.21 -13.97
N LEU A 177 5.28 9.87 -13.26
CA LEU A 177 5.04 8.48 -12.87
C LEU A 177 4.82 7.62 -14.11
N ASP A 178 4.02 8.11 -15.04
CA ASP A 178 3.83 7.42 -16.32
C ASP A 178 5.17 7.23 -17.00
N LYS A 179 5.99 8.27 -16.96
CA LYS A 179 7.33 8.24 -17.54
C LYS A 179 8.15 7.11 -16.93
N ILE A 180 8.08 6.98 -15.61
CA ILE A 180 8.82 5.94 -14.91
C ILE A 180 8.30 4.55 -15.29
N THR A 181 7.00 4.45 -15.51
CA THR A 181 6.39 3.19 -15.94
C THR A 181 6.95 2.80 -17.30
N ASP A 182 7.04 3.77 -18.19
CA ASP A 182 7.64 3.55 -19.50
C ASP A 182 9.05 3.00 -19.34
N THR A 183 9.76 3.50 -18.33
CA THR A 183 11.15 3.13 -18.09
C THR A 183 11.28 1.69 -17.61
N LEU A 184 10.40 1.29 -16.69
CA LEU A 184 10.38 -0.09 -16.22
C LEU A 184 10.15 -1.06 -17.37
N ILE A 185 9.11 -0.79 -18.15
CA ILE A 185 8.80 -1.60 -19.33
C ILE A 185 10.01 -1.66 -20.26
N HIS A 186 10.54 -0.49 -20.61
CA HIS A 186 11.72 -0.39 -21.44
C HIS A 186 12.83 -1.33 -20.95
N LEU A 187 13.01 -1.39 -19.63
CA LEU A 187 14.06 -2.21 -19.03
C LEU A 187 13.79 -3.70 -19.20
N MET A 188 12.55 -4.11 -18.94
CA MET A 188 12.17 -5.52 -19.09
C MET A 188 12.26 -5.92 -20.55
N ALA A 189 11.89 -5.00 -21.44
CA ALA A 189 12.00 -5.25 -22.88
C ALA A 189 13.46 -5.42 -23.26
N LYS A 190 14.30 -4.51 -22.78
CA LYS A 190 15.74 -4.59 -23.04
C LYS A 190 16.31 -5.90 -22.50
N ALA A 191 15.66 -6.44 -21.47
CA ALA A 191 16.11 -7.68 -20.84
C ALA A 191 15.62 -8.92 -21.58
N GLY A 192 14.83 -8.70 -22.62
CA GLY A 192 14.38 -9.79 -23.48
C GLY A 192 13.04 -10.40 -23.13
N LEU A 193 12.33 -9.79 -22.19
CA LEU A 193 11.00 -10.28 -21.82
C LEU A 193 9.97 -10.03 -22.90
N THR A 194 9.00 -10.94 -23.01
CA THR A 194 7.91 -10.79 -23.96
C THR A 194 6.89 -9.77 -23.44
N LEU A 195 5.97 -9.37 -24.30
CA LEU A 195 4.93 -8.43 -23.92
C LEU A 195 4.14 -8.90 -22.70
N GLN A 196 3.77 -10.19 -22.70
CA GLN A 196 3.01 -10.75 -21.60
C GLN A 196 3.85 -10.75 -20.31
N GLN A 197 5.08 -11.22 -20.41
CA GLN A 197 5.99 -11.23 -19.28
C GLN A 197 6.24 -9.81 -18.75
N GLN A 198 6.14 -8.83 -19.65
CA GLN A 198 6.36 -7.44 -19.28
C GLN A 198 5.27 -6.90 -18.38
N HIS A 199 4.02 -7.06 -18.78
CA HIS A 199 2.91 -6.53 -17.98
C HIS A 199 2.63 -7.37 -16.74
N GLN A 200 3.08 -8.63 -16.75
CA GLN A 200 2.95 -9.49 -15.58
C GLN A 200 3.98 -9.14 -14.52
N ARG A 201 5.21 -8.90 -14.96
CA ARG A 201 6.27 -8.49 -14.04
C ARG A 201 6.01 -7.10 -13.49
N LEU A 202 5.53 -6.21 -14.35
CA LEU A 202 5.18 -4.85 -13.94
C LEU A 202 4.19 -4.88 -12.79
N ALA A 203 3.15 -5.69 -12.94
CA ALA A 203 2.10 -5.80 -11.92
C ALA A 203 2.64 -6.36 -10.61
N GLN A 204 3.44 -7.41 -10.71
CA GLN A 204 4.04 -8.04 -9.54
C GLN A 204 4.87 -7.03 -8.74
N LEU A 205 5.74 -6.30 -9.43
CA LEU A 205 6.57 -5.30 -8.79
C LEU A 205 5.72 -4.26 -8.04
N LEU A 206 4.68 -3.77 -8.69
CA LEU A 206 3.84 -2.72 -8.11
C LEU A 206 2.96 -3.23 -6.97
N LEU A 207 2.60 -4.52 -7.01
CA LEU A 207 1.81 -5.12 -5.95
C LEU A 207 2.60 -5.16 -4.64
N ILE A 208 3.92 -5.16 -4.75
CA ILE A 208 4.79 -5.21 -3.58
C ILE A 208 4.90 -3.86 -2.89
N LEU A 209 4.62 -2.79 -3.63
CA LEU A 209 4.63 -1.45 -3.05
C LEU A 209 3.53 -1.32 -2.00
N SER A 210 2.44 -2.06 -2.21
CA SER A 210 1.35 -2.08 -1.24
C SER A 210 1.85 -2.66 0.08
N HIS A 211 2.65 -3.71 0.01
CA HIS A 211 3.24 -4.31 1.19
C HIS A 211 4.26 -3.37 1.81
N ILE A 212 5.04 -2.71 0.96
CA ILE A 212 6.01 -1.72 1.41
C ILE A 212 5.32 -0.63 2.22
N ARG A 213 4.17 -0.17 1.72
CA ARG A 213 3.39 0.83 2.41
C ARG A 213 2.92 0.30 3.77
N HIS A 214 2.53 -0.97 3.79
CA HIS A 214 2.03 -1.59 5.00
C HIS A 214 3.10 -1.64 6.07
N MET A 215 4.29 -2.10 5.70
CA MET A 215 5.40 -2.20 6.63
C MET A 215 5.79 -0.83 7.18
N SER A 216 5.67 0.20 6.36
CA SER A 216 5.98 1.56 6.78
C SER A 216 5.00 2.04 7.85
N ASN A 217 3.72 1.78 7.64
CA ASN A 217 2.68 2.20 8.57
C ASN A 217 2.79 1.48 9.92
N LYS A 218 3.03 0.17 9.88
CA LYS A 218 3.20 -0.60 11.10
C LYS A 218 4.48 -0.18 11.81
N GLY A 219 5.51 0.12 11.02
CA GLY A 219 6.77 0.59 11.56
C GLY A 219 6.62 1.96 12.19
N MET A 220 5.89 2.84 11.51
CA MET A 220 5.66 4.19 12.01
C MET A 220 4.99 4.13 13.38
N GLU A 221 4.02 3.24 13.52
CA GLU A 221 3.33 3.05 14.79
C GLU A 221 4.30 2.55 15.85
N HIS A 222 5.06 1.53 15.53
CA HIS A 222 6.04 0.98 16.45
C HIS A 222 6.99 2.06 16.95
N LEU A 223 7.30 3.02 16.07
CA LEU A 223 8.22 4.10 16.41
C LEU A 223 7.58 5.14 17.33
N TYR A 224 6.30 5.43 17.09
CA TYR A 224 5.57 6.34 17.96
C TYR A 224 5.56 5.78 19.37
N SER A 225 5.32 4.48 19.49
CA SER A 225 5.36 3.79 20.77
C SER A 225 6.75 3.93 21.40
N MET A 226 7.78 3.71 20.58
CA MET A 226 9.16 3.84 21.02
C MET A 226 9.44 5.26 21.49
N LYS A 227 8.92 6.23 20.75
CA LYS A 227 9.11 7.64 21.07
C LYS A 227 8.53 7.97 22.44
N CYS A 228 7.25 7.70 22.62
CA CYS A 228 6.57 7.99 23.88
C CYS A 228 7.13 7.14 25.01
N LYS A 229 7.47 5.89 24.71
CA LYS A 229 8.07 4.99 25.69
C LYS A 229 9.54 5.34 25.92
N ASN A 230 9.95 6.49 25.37
CA ASN A 230 11.31 6.98 25.50
C ASN A 230 12.36 5.86 25.58
N VAL A 232 15.26 5.07 23.90
CA VAL A 232 16.36 5.59 23.10
C VAL A 232 16.10 7.02 22.66
N PRO A 233 17.15 7.83 22.57
CA PRO A 233 17.05 9.22 22.12
C PRO A 233 16.89 9.29 20.61
N LEU A 234 16.09 10.25 20.14
CA LEU A 234 15.87 10.42 18.71
C LEU A 234 16.33 11.78 18.23
N SER A 235 16.97 11.80 17.07
CA SER A 235 17.39 13.05 16.45
C SER A 235 16.18 13.93 16.22
N ASP A 236 16.40 15.24 16.17
CA ASP A 236 15.31 16.18 15.90
C ASP A 236 14.70 15.91 14.52
N LEU A 237 15.56 15.66 13.54
CA LEU A 237 15.10 15.33 12.20
C LEU A 237 14.19 14.11 12.24
N LEU A 238 14.65 13.07 12.94
CA LEU A 238 13.88 11.84 13.09
C LEU A 238 12.56 12.13 13.80
N LEU A 239 12.60 13.07 14.76
CA LEU A 239 11.43 13.44 15.51
C LEU A 239 10.41 14.17 14.64
N GLU A 240 10.91 14.99 13.71
CA GLU A 240 10.04 15.73 12.81
C GLU A 240 9.40 14.84 11.76
N MET A 241 10.20 13.94 11.19
CA MET A 241 9.70 12.99 10.21
C MET A 241 8.63 12.12 10.85
N LEU A 242 8.80 11.82 12.12
CA LEU A 242 7.86 10.99 12.86
C LEU A 242 6.55 11.74 13.14
N ASP A 243 6.67 12.99 13.57
CA ASP A 243 5.50 13.79 13.89
C ASP A 243 4.67 14.12 12.63
N ALA A 244 5.33 14.10 11.47
CA ALA A 244 4.63 14.33 10.20
C ALA A 244 3.52 13.30 10.00
N HIS A 245 3.73 12.10 10.56
CA HIS A 245 2.75 11.03 10.48
C HIS A 245 1.85 10.97 11.70
N ARG A 246 1.33 12.13 12.12
CA ARG A 246 0.44 12.20 13.27
C ARG A 246 -0.77 13.09 12.98
N SER B 3 -7.62 -27.03 -11.41
CA SER B 3 -8.55 -26.11 -10.79
C SER B 3 -9.58 -25.61 -11.79
N LEU B 4 -10.08 -24.40 -11.56
CA LEU B 4 -11.05 -23.78 -12.45
C LEU B 4 -10.70 -22.30 -12.66
N ALA B 5 -10.26 -21.66 -11.58
CA ALA B 5 -9.88 -20.24 -11.63
C ALA B 5 -8.79 -20.02 -12.66
N LEU B 6 -7.82 -20.93 -12.68
CA LEU B 6 -6.70 -20.83 -13.62
C LEU B 6 -7.14 -21.12 -15.06
N SER B 7 -8.24 -21.84 -15.20
CA SER B 7 -8.73 -22.21 -16.53
C SER B 7 -9.95 -21.38 -16.92
N LEU B 8 -9.82 -20.05 -16.81
CA LEU B 8 -10.86 -19.13 -17.21
C LEU B 8 -10.36 -18.10 -18.23
N THR B 9 -11.18 -17.78 -19.21
CA THR B 9 -10.84 -16.71 -20.14
C THR B 9 -11.03 -15.37 -19.44
N ALA B 10 -10.32 -14.35 -19.89
CA ALA B 10 -10.42 -13.02 -19.29
C ALA B 10 -11.88 -12.59 -19.20
N ASP B 11 -12.64 -12.86 -20.26
CA ASP B 11 -14.06 -12.50 -20.29
C ASP B 11 -14.86 -13.28 -19.26
N GLN B 12 -14.53 -14.56 -19.10
CA GLN B 12 -15.18 -15.38 -18.08
C GLN B 12 -14.81 -14.89 -16.69
N MET B 13 -13.55 -14.50 -16.53
CA MET B 13 -13.07 -13.97 -15.26
C MET B 13 -13.84 -12.71 -14.87
N VAL B 14 -13.90 -11.76 -15.79
CA VAL B 14 -14.63 -10.52 -15.56
C VAL B 14 -16.10 -10.82 -15.28
N SER B 15 -16.63 -11.83 -15.97
CA SER B 15 -18.02 -12.22 -15.79
C SER B 15 -18.25 -12.73 -14.38
N ALA B 16 -17.38 -13.63 -13.92
CA ALA B 16 -17.48 -14.19 -12.58
C ALA B 16 -17.50 -13.10 -11.52
N LEU B 17 -16.52 -12.20 -11.59
CA LEU B 17 -16.38 -11.13 -10.61
C LEU B 17 -17.60 -10.21 -10.58
N LEU B 18 -18.09 -9.84 -11.76
CA LEU B 18 -19.23 -8.94 -11.88
C LEU B 18 -20.47 -9.47 -11.14
N ASP B 19 -20.85 -10.71 -11.42
CA ASP B 19 -22.06 -11.27 -10.81
C ASP B 19 -21.83 -11.71 -9.37
N ALA B 20 -20.57 -11.75 -8.95
CA ALA B 20 -20.24 -12.07 -7.56
C ALA B 20 -20.32 -10.81 -6.69
N GLU B 21 -20.49 -9.66 -7.34
CA GLU B 21 -20.54 -8.37 -6.67
C GLU B 21 -21.60 -8.37 -5.56
N PRO B 22 -21.27 -7.76 -4.42
CA PRO B 22 -22.21 -7.63 -3.31
C PRO B 22 -23.19 -6.50 -3.56
N PRO B 23 -24.34 -6.50 -2.86
CA PRO B 23 -25.32 -5.45 -3.02
C PRO B 23 -24.93 -4.19 -2.24
N ILE B 24 -25.50 -3.05 -2.62
CA ILE B 24 -25.30 -1.82 -1.88
C ILE B 24 -26.30 -1.75 -0.73
N LEU B 25 -25.80 -1.72 0.49
CA LEU B 25 -26.67 -1.72 1.68
C LEU B 25 -27.04 -0.31 2.11
N TYR B 26 -28.16 -0.20 2.81
CA TYR B 26 -28.62 1.09 3.33
C TYR B 26 -28.16 1.29 4.77
N SER B 27 -27.96 2.54 5.14
CA SER B 27 -27.66 2.85 6.53
C SER B 27 -28.98 3.05 7.28
N GLU B 28 -28.87 3.43 8.55
CA GLU B 28 -30.04 3.70 9.37
C GLU B 28 -30.19 5.20 9.56
N TYR B 29 -29.42 5.95 8.78
CA TYR B 29 -29.42 7.41 8.87
C TYR B 29 -30.83 7.96 8.77
N ASP B 30 -31.13 8.91 9.65
CA ASP B 30 -32.43 9.56 9.69
C ASP B 30 -32.22 11.05 9.91
N PRO B 31 -32.58 11.87 8.90
CA PRO B 31 -32.34 13.32 8.94
C PRO B 31 -33.07 14.00 10.08
N THR B 32 -34.18 13.41 10.51
CA THR B 32 -34.97 13.99 11.60
C THR B 32 -34.34 13.68 12.96
N ARG B 33 -33.23 12.94 12.95
CA ARG B 33 -32.55 12.57 14.18
C ARG B 33 -31.24 13.33 14.35
N PRO B 34 -30.98 13.83 15.56
CA PRO B 34 -29.79 14.62 15.89
C PRO B 34 -28.48 13.86 15.61
N PHE B 35 -27.43 14.60 15.31
CA PHE B 35 -26.15 14.00 14.96
C PHE B 35 -25.45 13.35 16.15
N SER B 36 -24.22 13.78 16.42
CA SER B 36 -23.37 13.21 17.46
C SER B 36 -22.26 12.35 16.85
N GLU B 37 -21.02 12.64 17.25
CA GLU B 37 -19.88 11.90 16.75
C GLU B 37 -20.04 10.39 17.03
N ALA B 38 -20.49 10.07 18.24
CA ALA B 38 -20.69 8.68 18.65
C ALA B 38 -21.77 8.00 17.81
N SER B 39 -22.95 8.61 17.74
CA SER B 39 -24.07 8.07 16.97
C SER B 39 -23.75 7.96 15.49
N MET B 40 -23.12 8.99 14.93
CA MET B 40 -22.74 8.97 13.52
C MET B 40 -21.76 7.84 13.26
N MET B 41 -20.93 7.53 14.25
CA MET B 41 -20.02 6.41 14.16
C MET B 41 -20.76 5.09 14.25
N GLY B 42 -21.82 5.06 15.06
CA GLY B 42 -22.66 3.89 15.18
C GLY B 42 -23.22 3.50 13.83
N LEU B 43 -23.57 4.51 13.02
CA LEU B 43 -24.09 4.28 11.68
C LEU B 43 -23.05 3.59 10.80
N LEU B 44 -21.81 4.06 10.87
CA LEU B 44 -20.74 3.53 10.04
C LEU B 44 -20.36 2.10 10.42
N THR B 45 -20.21 1.85 11.73
CA THR B 45 -19.86 0.53 12.22
C THR B 45 -20.96 -0.48 11.91
N ASN B 46 -22.20 -0.09 12.17
CA ASN B 46 -23.35 -0.93 11.86
C ASN B 46 -23.38 -1.27 10.37
N LEU B 47 -23.22 -0.25 9.53
CA LEU B 47 -23.18 -0.44 8.09
C LEU B 47 -22.06 -1.38 7.69
N ALA B 48 -20.88 -1.15 8.24
CA ALA B 48 -19.70 -1.95 7.93
C ALA B 48 -19.88 -3.41 8.36
N ASP B 49 -20.46 -3.60 9.53
CA ASP B 49 -20.67 -4.95 10.07
C ASP B 49 -21.57 -5.79 9.16
N ARG B 50 -22.61 -5.16 8.61
CA ARG B 50 -23.52 -5.85 7.70
C ARG B 50 -22.89 -6.09 6.33
N GLU B 51 -22.00 -5.20 5.92
CA GLU B 51 -21.28 -5.37 4.67
C GLU B 51 -20.30 -6.55 4.74
N LEU B 52 -19.69 -6.73 5.90
CA LEU B 52 -18.73 -7.81 6.12
C LEU B 52 -19.34 -9.17 5.78
N VAL B 53 -20.57 -9.40 6.23
CA VAL B 53 -21.24 -10.67 5.99
C VAL B 53 -21.41 -10.90 4.49
N HIS B 54 -21.64 -9.83 3.74
CA HIS B 54 -21.76 -9.92 2.29
C HIS B 54 -20.39 -10.07 1.65
N MET B 55 -19.39 -9.43 2.23
CA MET B 55 -18.02 -9.51 1.73
C MET B 55 -17.48 -10.92 1.90
N ILE B 56 -17.83 -11.55 3.00
CA ILE B 56 -17.40 -12.92 3.28
C ILE B 56 -17.89 -13.88 2.21
N ASN B 57 -19.13 -13.70 1.77
CA ASN B 57 -19.71 -14.56 0.74
C ASN B 57 -19.30 -14.15 -0.67
N TRP B 58 -18.90 -12.89 -0.83
CA TRP B 58 -18.34 -12.43 -2.09
C TRP B 58 -16.96 -13.04 -2.32
N ALA B 59 -16.16 -13.05 -1.27
CA ALA B 59 -14.80 -13.59 -1.33
C ALA B 59 -14.81 -15.06 -1.80
N LYS B 60 -15.82 -15.81 -1.36
CA LYS B 60 -15.95 -17.21 -1.71
C LYS B 60 -16.12 -17.39 -3.22
N ARG B 61 -16.62 -16.36 -3.88
CA ARG B 61 -16.90 -16.43 -5.31
C ARG B 61 -15.79 -15.80 -6.15
N VAL B 62 -14.73 -15.37 -5.47
CA VAL B 62 -13.54 -14.88 -6.16
C VAL B 62 -12.71 -16.09 -6.60
N PRO B 63 -12.61 -16.29 -7.92
CA PRO B 63 -11.96 -17.46 -8.52
C PRO B 63 -10.63 -17.80 -7.83
N GLY B 64 -10.53 -19.03 -7.33
CA GLY B 64 -9.30 -19.51 -6.72
C GLY B 64 -9.19 -19.26 -5.23
N PHE B 65 -10.16 -18.53 -4.68
CA PHE B 65 -10.13 -18.20 -3.26
C PHE B 65 -10.50 -19.40 -2.38
N VAL B 66 -11.46 -20.19 -2.84
CA VAL B 66 -11.89 -21.37 -2.10
C VAL B 66 -10.92 -22.53 -2.26
N ASP B 67 -9.99 -22.41 -3.21
CA ASP B 67 -8.97 -23.41 -3.41
C ASP B 67 -7.99 -23.40 -2.23
N LEU B 68 -8.07 -22.34 -1.42
CA LEU B 68 -7.17 -22.16 -0.29
C LEU B 68 -7.75 -22.81 0.96
N THR B 69 -6.88 -23.19 1.88
CA THR B 69 -7.31 -23.70 3.18
C THR B 69 -8.09 -22.62 3.89
N LEU B 70 -8.89 -23.01 4.88
CA LEU B 70 -9.70 -22.04 5.63
C LEU B 70 -8.84 -21.02 6.36
N HIS B 71 -7.75 -21.49 6.96
CA HIS B 71 -6.85 -20.61 7.71
C HIS B 71 -6.26 -19.50 6.83
N ASP B 72 -5.99 -19.83 5.58
CA ASP B 72 -5.45 -18.84 4.64
C ASP B 72 -6.54 -17.88 4.18
N GLN B 73 -7.76 -18.37 4.06
CA GLN B 73 -8.90 -17.54 3.70
C GLN B 73 -9.20 -16.53 4.80
N VAL B 74 -9.14 -17.00 6.04
CA VAL B 74 -9.35 -16.13 7.20
C VAL B 74 -8.28 -15.04 7.26
N HIS B 75 -7.03 -15.45 7.06
CA HIS B 75 -5.91 -14.51 7.08
C HIS B 75 -6.10 -13.40 6.04
N LEU B 76 -6.39 -13.80 4.81
CA LEU B 76 -6.57 -12.84 3.73
C LEU B 76 -7.72 -11.86 4.01
N LEU B 77 -8.79 -12.37 4.61
CA LEU B 77 -9.93 -11.53 4.97
C LEU B 77 -9.57 -10.55 6.09
N GLU B 78 -8.99 -11.07 7.16
CA GLU B 78 -8.59 -10.25 8.29
C GLU B 78 -7.69 -9.11 7.84
N CYS B 79 -6.88 -9.37 6.82
CA CYS B 79 -5.91 -8.40 6.34
CA CYS B 79 -5.91 -8.39 6.35
C CYS B 79 -6.53 -7.35 5.42
N ALA B 80 -7.48 -7.77 4.59
CA ALA B 80 -8.01 -6.90 3.54
C ALA B 80 -9.40 -6.30 3.80
N TRP B 81 -10.06 -6.74 4.86
CA TRP B 81 -11.47 -6.37 5.06
C TRP B 81 -11.75 -4.86 4.95
N LEU B 82 -10.94 -4.04 5.61
CA LEU B 82 -11.17 -2.61 5.60
C LEU B 82 -10.78 -1.97 4.27
N GLU B 83 -9.71 -2.47 3.66
CA GLU B 83 -9.29 -2.00 2.34
C GLU B 83 -10.42 -2.16 1.34
N ILE B 84 -11.10 -3.31 1.40
CA ILE B 84 -12.16 -3.64 0.47
C ILE B 84 -13.40 -2.79 0.69
N LEU B 85 -13.71 -2.49 1.95
CA LEU B 85 -14.83 -1.59 2.26
C LEU B 85 -14.55 -0.20 1.73
N MET B 86 -13.29 0.24 1.86
CA MET B 86 -12.91 1.59 1.48
C MET B 86 -12.88 1.81 -0.03
N ILE B 87 -12.46 0.79 -0.78
CA ILE B 87 -12.43 0.92 -2.24
C ILE B 87 -13.85 0.80 -2.80
N GLY B 88 -14.69 0.04 -2.12
CA GLY B 88 -16.09 -0.04 -2.46
C GLY B 88 -16.74 1.30 -2.21
N LEU B 89 -16.39 1.90 -1.08
CA LEU B 89 -16.89 3.23 -0.72
C LEU B 89 -16.45 4.26 -1.75
N VAL B 90 -15.17 4.23 -2.11
CA VAL B 90 -14.63 5.15 -3.10
C VAL B 90 -15.31 4.99 -4.46
N TRP B 91 -15.56 3.73 -4.83
CA TRP B 91 -16.24 3.45 -6.09
C TRP B 91 -17.67 4.00 -6.08
N ARG B 92 -18.33 3.88 -4.94
CA ARG B 92 -19.71 4.37 -4.81
C ARG B 92 -19.80 5.90 -4.89
N SER B 93 -18.69 6.56 -4.57
CA SER B 93 -18.70 8.01 -4.44
C SER B 93 -18.14 8.74 -5.66
N MET B 94 -17.77 7.97 -6.69
CA MET B 94 -17.19 8.56 -7.90
C MET B 94 -18.00 9.71 -8.45
N GLU B 95 -19.30 9.49 -8.65
CA GLU B 95 -20.17 10.49 -9.26
C GLU B 95 -20.60 11.59 -8.29
N HIS B 96 -20.11 11.54 -7.06
CA HIS B 96 -20.46 12.53 -6.06
C HIS B 96 -19.24 13.27 -5.53
N PRO B 97 -18.72 14.23 -6.32
CA PRO B 97 -17.55 15.03 -5.97
C PRO B 97 -17.70 15.70 -4.60
N GLY B 98 -16.69 15.57 -3.76
CA GLY B 98 -16.70 16.16 -2.44
C GLY B 98 -17.63 15.44 -1.49
N LYS B 99 -18.20 14.33 -1.94
CA LYS B 99 -19.12 13.55 -1.12
C LYS B 99 -18.71 12.08 -1.03
N LEU B 100 -18.94 11.48 0.14
CA LEU B 100 -18.71 10.06 0.33
C LEU B 100 -20.05 9.35 0.50
N LEU B 101 -20.38 8.48 -0.45
CA LEU B 101 -21.64 7.76 -0.44
C LEU B 101 -21.53 6.45 0.32
N PHE B 102 -21.58 6.52 1.64
CA PHE B 102 -21.57 5.32 2.48
C PHE B 102 -22.79 4.47 2.16
N ALA B 103 -23.87 5.14 1.76
CA ALA B 103 -25.11 4.47 1.40
C ALA B 103 -26.02 5.45 0.68
N PRO B 104 -26.95 4.94 -0.12
CA PRO B 104 -27.89 5.79 -0.88
C PRO B 104 -28.57 6.82 0.01
N ASN B 105 -28.76 6.49 1.28
CA ASN B 105 -29.43 7.39 2.21
C ASN B 105 -28.45 8.05 3.17
N LEU B 106 -27.16 7.90 2.90
CA LEU B 106 -26.12 8.49 3.75
C LEU B 106 -24.97 9.07 2.94
N LEU B 107 -25.12 10.32 2.51
CA LEU B 107 -24.04 11.03 1.83
C LEU B 107 -23.37 12.02 2.77
N LEU B 108 -22.06 11.85 2.95
CA LEU B 108 -21.31 12.73 3.84
C LEU B 108 -20.19 13.48 3.11
N ASP B 109 -19.99 14.73 3.50
CA ASP B 109 -18.87 15.53 3.01
C ASP B 109 -17.91 15.82 4.16
N ARG B 110 -16.71 16.26 3.83
CA ARG B 110 -15.66 16.46 4.82
C ARG B 110 -16.08 17.32 6.02
N ASN B 111 -17.15 18.09 5.86
CA ASN B 111 -17.61 18.98 6.92
C ASN B 111 -18.13 18.24 8.16
N GLN B 112 -18.15 16.92 8.10
CA GLN B 112 -18.72 16.13 9.18
C GLN B 112 -17.73 15.10 9.73
N GLY B 113 -17.66 14.99 11.05
CA GLY B 113 -16.79 14.04 11.71
C GLY B 113 -15.82 14.70 12.67
N LYS B 114 -15.06 13.89 13.39
CA LYS B 114 -14.06 14.39 14.33
C LYS B 114 -12.66 14.17 13.77
N MET B 119 -11.91 12.36 11.92
CA MET B 119 -12.37 11.57 10.79
C MET B 119 -12.07 12.29 9.46
N VAL B 120 -11.93 13.61 9.53
CA VAL B 120 -11.78 14.42 8.33
C VAL B 120 -10.55 14.04 7.50
N GLU B 121 -9.43 13.77 8.18
CA GLU B 121 -8.19 13.46 7.49
C GLU B 121 -8.34 12.24 6.58
N ILE B 122 -8.91 11.17 7.13
CA ILE B 122 -9.16 9.96 6.35
C ILE B 122 -10.20 10.23 5.27
N PHE B 123 -11.18 11.07 5.60
CA PHE B 123 -12.18 11.51 4.64
C PHE B 123 -11.52 12.06 3.38
N ASP B 124 -10.60 13.01 3.58
CA ASP B 124 -9.92 13.67 2.47
C ASP B 124 -9.12 12.68 1.63
N MET B 125 -8.58 11.65 2.27
CA MET B 125 -7.85 10.61 1.55
C MET B 125 -8.78 9.82 0.64
N LEU B 126 -9.94 9.43 1.18
CA LEU B 126 -10.95 8.74 0.39
C LEU B 126 -11.47 9.63 -0.73
N LEU B 127 -11.80 10.87 -0.38
CA LEU B 127 -12.27 11.83 -1.37
C LEU B 127 -11.25 12.00 -2.50
N ALA B 128 -9.98 12.10 -2.12
CA ALA B 128 -8.91 12.24 -3.11
C ALA B 128 -8.81 11.02 -4.01
N THR B 129 -9.05 9.84 -3.43
CA THR B 129 -8.99 8.60 -4.19
C THR B 129 -10.16 8.51 -5.17
N SER B 130 -11.36 8.83 -4.69
CA SER B 130 -12.54 8.86 -5.54
C SER B 130 -12.33 9.82 -6.70
N SER B 131 -11.77 10.98 -6.40
CA SER B 131 -11.46 11.97 -7.43
C SER B 131 -10.47 11.40 -8.44
N ARG B 132 -9.63 10.48 -7.98
CA ARG B 132 -8.67 9.82 -8.85
C ARG B 132 -9.38 8.89 -9.83
N PHE B 133 -10.38 8.17 -9.33
CA PHE B 133 -11.17 7.27 -10.18
C PHE B 133 -11.88 8.04 -11.29
N ARG B 134 -12.46 9.18 -10.93
CA ARG B 134 -13.17 10.01 -11.92
C ARG B 134 -12.27 10.42 -13.08
N MET B 135 -11.15 11.06 -12.75
CA MET B 135 -10.23 11.54 -13.77
C MET B 135 -9.67 10.40 -14.62
N MET B 136 -9.57 9.21 -14.02
CA MET B 136 -9.14 8.02 -14.76
C MET B 136 -10.31 7.40 -15.51
N ASN B 137 -11.52 7.79 -15.14
CA ASN B 137 -12.72 7.17 -15.70
C ASN B 137 -12.70 5.68 -15.45
N LEU B 138 -12.41 5.28 -14.21
CA LEU B 138 -12.35 3.88 -13.85
C LEU B 138 -13.64 3.15 -14.21
N GLN B 139 -13.51 1.97 -14.79
CA GLN B 139 -14.66 1.20 -15.22
C GLN B 139 -15.02 0.11 -14.21
N GLY B 140 -16.28 -0.33 -14.24
CA GLY B 140 -16.75 -1.36 -13.34
C GLY B 140 -15.96 -2.64 -13.46
N GLU B 141 -15.64 -3.02 -14.70
CA GLU B 141 -14.86 -4.22 -14.95
C GLU B 141 -13.49 -4.13 -14.29
N GLU B 142 -12.88 -2.94 -14.37
CA GLU B 142 -11.58 -2.72 -13.76
C GLU B 142 -11.68 -2.71 -12.24
N PHE B 143 -12.77 -2.17 -11.72
CA PHE B 143 -12.97 -2.07 -10.28
C PHE B 143 -13.04 -3.43 -9.59
N VAL B 144 -13.81 -4.34 -10.17
CA VAL B 144 -13.95 -5.68 -9.61
C VAL B 144 -12.63 -6.43 -9.61
N CYS B 145 -11.77 -6.12 -10.58
CA CYS B 145 -10.45 -6.72 -10.65
C CYS B 145 -9.56 -6.21 -9.52
N LEU B 146 -9.53 -4.89 -9.34
CA LEU B 146 -8.76 -4.28 -8.28
C LEU B 146 -9.18 -4.82 -6.92
N LYS B 147 -10.47 -5.04 -6.75
CA LYS B 147 -11.02 -5.48 -5.49
C LYS B 147 -10.60 -6.92 -5.17
N SER B 148 -10.56 -7.77 -6.18
CA SER B 148 -10.15 -9.15 -6.01
C SER B 148 -8.63 -9.25 -5.82
N ILE B 149 -7.91 -8.30 -6.40
CA ILE B 149 -6.46 -8.25 -6.23
C ILE B 149 -6.11 -7.93 -4.78
N ILE B 150 -6.83 -6.98 -4.20
CA ILE B 150 -6.62 -6.61 -2.81
C ILE B 150 -6.84 -7.81 -1.89
N LEU B 151 -7.92 -8.54 -2.12
CA LEU B 151 -8.24 -9.71 -1.32
C LEU B 151 -7.10 -10.73 -1.32
N LEU B 152 -6.46 -10.91 -2.47
CA LEU B 152 -5.43 -11.92 -2.63
C LEU B 152 -4.03 -11.41 -2.31
N ASN B 153 -3.81 -10.12 -2.51
CA ASN B 153 -2.48 -9.54 -2.38
C ASN B 153 -2.13 -9.06 -0.97
N SER B 154 -3.06 -8.40 -0.32
CA SER B 154 -2.79 -7.68 0.93
C SER B 154 -2.17 -8.51 2.06
N GLY B 155 -2.46 -9.81 2.09
CA GLY B 155 -1.98 -10.65 3.16
C GLY B 155 -1.07 -11.78 2.74
N VAL B 156 -0.76 -11.83 1.44
CA VAL B 156 0.05 -12.91 0.90
C VAL B 156 1.49 -12.88 1.44
N LYS B 165 7.29 -25.11 3.73
CA LYS B 165 6.31 -25.99 4.35
C LYS B 165 5.26 -26.42 3.33
N SER B 166 4.01 -26.07 3.58
CA SER B 166 2.94 -26.35 2.64
C SER B 166 2.57 -25.07 1.92
N LEU B 167 3.23 -23.98 2.30
CA LEU B 167 3.00 -22.68 1.70
C LEU B 167 3.23 -22.71 0.20
N GLU B 168 2.51 -23.61 -0.48
CA GLU B 168 2.44 -23.63 -1.92
C GLU B 168 1.22 -22.81 -2.31
N GLU B 169 0.39 -22.51 -1.30
CA GLU B 169 -0.78 -21.68 -1.48
C GLU B 169 -0.34 -20.32 -2.02
N LYS B 170 0.84 -19.89 -1.57
CA LYS B 170 1.43 -18.63 -1.98
C LYS B 170 1.64 -18.59 -3.49
N ASP B 171 2.12 -19.71 -4.03
CA ASP B 171 2.36 -19.83 -5.46
C ASP B 171 1.03 -19.85 -6.21
N HIS B 172 0.02 -20.46 -5.59
CA HIS B 172 -1.30 -20.51 -6.19
C HIS B 172 -1.94 -19.13 -6.26
N ILE B 173 -1.80 -18.36 -5.19
CA ILE B 173 -2.30 -16.99 -5.15
C ILE B 173 -1.67 -16.16 -6.25
N HIS B 174 -0.37 -16.35 -6.44
CA HIS B 174 0.37 -15.61 -7.46
C HIS B 174 -0.15 -15.89 -8.86
N ARG B 175 -0.36 -17.17 -9.17
CA ARG B 175 -0.90 -17.55 -10.47
C ARG B 175 -2.22 -16.84 -10.74
N VAL B 176 -3.12 -16.86 -9.76
CA VAL B 176 -4.39 -16.18 -9.88
C VAL B 176 -4.19 -14.68 -10.07
N LEU B 177 -3.23 -14.12 -9.35
CA LEU B 177 -2.90 -12.70 -9.47
C LEU B 177 -2.41 -12.36 -10.87
N ASP B 178 -1.52 -13.19 -11.40
CA ASP B 178 -1.06 -13.03 -12.78
C ASP B 178 -2.27 -13.13 -13.72
N LYS B 179 -3.19 -14.02 -13.39
CA LYS B 179 -4.40 -14.22 -14.17
C LYS B 179 -5.21 -12.94 -14.27
N ILE B 180 -5.43 -12.30 -13.14
CA ILE B 180 -6.21 -11.07 -13.09
C ILE B 180 -5.50 -9.92 -13.80
N THR B 181 -4.18 -9.93 -13.75
CA THR B 181 -3.39 -8.93 -14.46
C THR B 181 -3.65 -9.01 -15.95
N ASP B 182 -3.69 -10.22 -16.48
CA ASP B 182 -3.96 -10.44 -17.89
C ASP B 182 -5.37 -9.95 -18.25
N THR B 183 -6.31 -10.13 -17.32
CA THR B 183 -7.67 -9.69 -17.52
C THR B 183 -7.75 -8.17 -17.62
N LEU B 184 -7.03 -7.48 -16.73
CA LEU B 184 -6.95 -6.03 -16.79
C LEU B 184 -6.43 -5.56 -18.14
N ILE B 185 -5.28 -6.09 -18.54
CA ILE B 185 -4.69 -5.76 -19.83
C ILE B 185 -5.66 -6.08 -20.96
N HIS B 186 -6.29 -7.27 -20.88
CA HIS B 186 -7.27 -7.68 -21.86
C HIS B 186 -8.40 -6.66 -21.98
N LEU B 187 -8.82 -6.13 -20.83
CA LEU B 187 -9.91 -5.15 -20.79
C LEU B 187 -9.49 -3.82 -21.41
N MET B 188 -8.27 -3.38 -21.11
CA MET B 188 -7.77 -2.12 -21.63
C MET B 188 -7.55 -2.19 -23.14
N ALA B 189 -7.05 -3.33 -23.61
CA ALA B 189 -6.81 -3.53 -25.03
C ALA B 189 -8.10 -3.45 -25.83
N LYS B 190 -9.11 -4.19 -25.39
CA LYS B 190 -10.41 -4.19 -26.04
C LYS B 190 -11.02 -2.79 -26.03
N ALA B 191 -10.55 -1.95 -25.11
CA ALA B 191 -11.05 -0.59 -24.99
C ALA B 191 -10.37 0.35 -26.00
N GLY B 192 -9.34 -0.16 -26.67
CA GLY B 192 -8.67 0.60 -27.71
C GLY B 192 -7.41 1.32 -27.30
N LEU B 193 -6.88 0.99 -26.13
CA LEU B 193 -5.66 1.61 -25.65
C LEU B 193 -4.42 1.05 -26.33
N THR B 194 -3.45 1.93 -26.60
CA THR B 194 -2.17 1.51 -27.14
C THR B 194 -1.40 0.75 -26.07
N LEU B 195 -0.38 0.00 -26.48
CA LEU B 195 0.38 -0.78 -25.53
C LEU B 195 0.91 0.10 -24.40
N GLN B 196 1.47 1.25 -24.77
CA GLN B 196 1.99 2.20 -23.79
C GLN B 196 0.91 2.66 -22.83
N GLN B 197 -0.28 2.94 -23.35
CA GLN B 197 -1.40 3.38 -22.54
C GLN B 197 -1.90 2.28 -21.61
N GLN B 198 -1.86 1.03 -22.09
CA GLN B 198 -2.26 -0.10 -21.26
C GLN B 198 -1.32 -0.24 -20.08
N HIS B 199 -0.02 -0.32 -20.35
CA HIS B 199 0.98 -0.42 -19.30
C HIS B 199 0.82 0.71 -18.29
N GLN B 200 0.71 1.93 -18.79
CA GLN B 200 0.58 3.11 -17.93
C GLN B 200 -0.67 3.04 -17.06
N ARG B 201 -1.80 2.66 -17.66
CA ARG B 201 -3.05 2.57 -16.93
C ARG B 201 -2.99 1.47 -15.88
N LEU B 202 -2.36 0.35 -16.25
CA LEU B 202 -2.19 -0.76 -15.32
C LEU B 202 -1.44 -0.29 -14.08
N ALA B 203 -0.35 0.45 -14.29
CA ALA B 203 0.45 0.98 -13.20
C ALA B 203 -0.35 1.96 -12.34
N GLN B 204 -1.10 2.84 -13.01
CA GLN B 204 -1.91 3.83 -12.32
C GLN B 204 -2.92 3.16 -11.38
N LEU B 205 -3.53 2.10 -11.86
CA LEU B 205 -4.52 1.36 -11.06
C LEU B 205 -3.86 0.68 -9.87
N LEU B 206 -2.69 0.08 -10.10
CA LEU B 206 -1.99 -0.65 -9.05
C LEU B 206 -1.36 0.28 -8.01
N LEU B 207 -0.98 1.47 -8.42
CA LEU B 207 -0.43 2.45 -7.48
C LEU B 207 -1.50 2.91 -6.51
N ILE B 208 -2.74 2.92 -6.96
CA ILE B 208 -3.87 3.30 -6.12
C ILE B 208 -4.03 2.34 -4.94
N LEU B 209 -3.73 1.06 -5.18
CA LEU B 209 -3.83 0.06 -4.13
C LEU B 209 -2.95 0.40 -2.94
N SER B 210 -1.82 1.05 -3.23
CA SER B 210 -0.91 1.48 -2.17
C SER B 210 -1.58 2.51 -1.28
N HIS B 211 -2.32 3.42 -1.89
CA HIS B 211 -3.04 4.45 -1.15
C HIS B 211 -4.20 3.86 -0.36
N ILE B 212 -4.78 2.78 -0.88
CA ILE B 212 -5.88 2.10 -0.19
C ILE B 212 -5.36 1.39 1.05
N ARG B 213 -4.18 0.80 0.93
CA ARG B 213 -3.52 0.17 2.07
C ARG B 213 -3.27 1.19 3.17
N HIS B 214 -2.82 2.38 2.76
CA HIS B 214 -2.55 3.46 3.71
C HIS B 214 -3.81 3.85 4.47
N MET B 215 -4.87 4.17 3.74
CA MET B 215 -6.13 4.55 4.34
C MET B 215 -6.64 3.48 5.30
N SER B 216 -6.45 2.21 4.92
CA SER B 216 -6.84 1.10 5.76
C SER B 216 -6.11 1.14 7.10
N ASN B 217 -4.79 1.32 7.04
CA ASN B 217 -3.97 1.34 8.25
C ASN B 217 -4.24 2.56 9.13
N LYS B 218 -4.49 3.71 8.50
CA LYS B 218 -4.86 4.90 9.26
C LYS B 218 -6.18 4.66 9.97
N GLY B 219 -7.18 4.21 9.21
CA GLY B 219 -8.49 3.92 9.76
C GLY B 219 -8.44 2.88 10.87
N MET B 220 -7.66 1.83 10.64
CA MET B 220 -7.55 0.74 11.60
C MET B 220 -7.05 1.27 12.95
N GLU B 221 -6.02 2.10 12.92
CA GLU B 221 -5.47 2.68 14.14
C GLU B 221 -6.47 3.63 14.78
N HIS B 222 -7.29 4.25 13.94
CA HIS B 222 -8.30 5.19 14.43
C HIS B 222 -9.42 4.48 15.18
N LEU B 223 -10.06 3.53 14.51
CA LEU B 223 -11.17 2.81 15.12
C LEU B 223 -10.70 1.93 16.28
N TYR B 224 -9.39 1.79 16.42
CA TYR B 224 -8.83 1.13 17.58
C TYR B 224 -9.03 2.01 18.81
N SER B 225 -8.88 3.31 18.62
CA SER B 225 -9.09 4.28 19.67
C SER B 225 -10.57 4.29 20.08
N MET B 226 -11.44 4.37 19.09
CA MET B 226 -12.88 4.37 19.33
C MET B 226 -13.26 3.21 20.24
N LYS B 227 -12.68 2.04 19.98
CA LYS B 227 -12.88 0.88 20.84
C LYS B 227 -12.43 1.23 22.26
N CYS B 228 -11.13 1.47 22.41
CA CYS B 228 -10.56 1.81 23.71
C CYS B 228 -11.29 3.00 24.33
N LYS B 229 -11.75 3.92 23.49
CA LYS B 229 -12.49 5.09 23.96
C LYS B 229 -13.82 4.64 24.55
N ASN B 230 -14.12 3.36 24.41
CA ASN B 230 -15.25 2.73 25.09
C ASN B 230 -16.62 3.31 24.75
N VAL B 231 -16.69 4.10 23.68
CA VAL B 231 -17.94 4.78 23.33
C VAL B 231 -18.75 4.05 22.24
N VAL B 232 -18.23 4.02 21.02
CA VAL B 232 -18.97 3.46 19.88
C VAL B 232 -19.14 1.95 19.98
N PRO B 233 -20.36 1.46 19.68
CA PRO B 233 -20.63 0.02 19.67
C PRO B 233 -19.87 -0.68 18.55
N LEU B 234 -19.21 -1.78 18.87
CA LEU B 234 -18.51 -2.59 17.87
C LEU B 234 -19.00 -4.04 17.91
N SER B 235 -19.56 -4.50 16.80
CA SER B 235 -20.01 -5.88 16.71
C SER B 235 -18.85 -6.83 16.98
N ASP B 236 -19.14 -7.97 17.59
CA ASP B 236 -18.10 -8.93 17.96
C ASP B 236 -17.27 -9.39 16.76
N LEU B 237 -17.79 -9.19 15.56
CA LEU B 237 -17.05 -9.52 14.35
C LEU B 237 -16.02 -8.46 14.03
N LEU B 238 -16.41 -7.19 14.22
CA LEU B 238 -15.49 -6.08 14.03
C LEU B 238 -14.36 -6.14 15.05
N LEU B 239 -14.72 -6.42 16.30
CA LEU B 239 -13.74 -6.56 17.36
C LEU B 239 -12.71 -7.63 17.00
N GLU B 240 -13.18 -8.68 16.34
CA GLU B 240 -12.30 -9.75 15.87
C GLU B 240 -11.38 -9.26 14.77
N MET B 241 -11.97 -8.81 13.67
CA MET B 241 -11.21 -8.32 12.52
C MET B 241 -10.17 -7.30 12.96
N LEU B 242 -10.61 -6.28 13.68
CA LEU B 242 -9.72 -5.26 14.21
C LEU B 242 -8.58 -5.91 15.00
N ASP B 243 -8.92 -6.80 15.92
CA ASP B 243 -7.95 -7.44 16.79
C ASP B 243 -6.88 -8.18 16.00
N ALA B 244 -7.23 -8.59 14.79
CA ALA B 244 -6.29 -9.30 13.92
C ALA B 244 -5.10 -8.43 13.55
N HIS B 245 -5.31 -7.11 13.58
CA HIS B 245 -4.29 -6.16 13.18
C HIS B 245 -3.49 -5.60 14.36
N ARG B 246 -3.61 -6.23 15.52
CA ARG B 246 -2.95 -5.72 16.72
C ARG B 246 -2.01 -6.74 17.36
N HIS C 1 8.99 26.24 11.61
CA HIS C 1 9.82 25.76 10.51
C HIS C 1 10.25 24.31 10.76
N LYS C 2 11.01 23.76 9.83
CA LYS C 2 11.45 22.37 9.95
C LYS C 2 12.82 22.13 9.31
N ILE C 3 13.56 21.19 9.88
CA ILE C 3 14.89 20.85 9.37
C ILE C 3 14.84 20.43 7.91
N LEU C 4 13.77 19.77 7.51
CA LEU C 4 13.62 19.29 6.15
C LEU C 4 13.57 20.45 5.17
N HIS C 5 12.89 21.53 5.57
CA HIS C 5 12.85 22.76 4.80
C HIS C 5 14.25 23.22 4.45
N ARG C 6 15.16 23.16 5.42
CA ARG C 6 16.54 23.59 5.23
C ARG C 6 17.35 22.65 4.34
N LEU C 7 17.37 21.37 4.71
CA LEU C 7 18.14 20.37 3.98
C LEU C 7 17.76 20.29 2.50
N LEU C 8 16.47 20.27 2.22
CA LEU C 8 15.98 20.27 0.84
C LEU C 8 16.38 21.57 0.16
N GLN C 9 16.31 22.66 0.90
CA GLN C 9 16.59 23.99 0.38
C GLN C 9 17.96 24.04 -0.30
N ASP C 10 18.99 23.67 0.44
CA ASP C 10 20.36 23.72 -0.04
C ASP C 10 20.45 23.54 -1.55
N LYS D 2 -13.44 -18.45 16.02
CA LYS D 2 -13.59 -17.17 15.37
C LYS D 2 -14.92 -17.03 14.64
N ILE D 3 -15.48 -15.83 14.67
CA ILE D 3 -16.73 -15.55 13.97
C ILE D 3 -16.52 -15.62 12.46
N LEU D 4 -15.38 -15.11 12.00
CA LEU D 4 -15.06 -15.10 10.58
C LEU D 4 -14.82 -16.52 10.07
N HIS D 5 -14.22 -17.36 10.89
CA HIS D 5 -13.92 -18.73 10.50
C HIS D 5 -15.20 -19.51 10.21
N ARG D 6 -16.15 -19.45 11.14
CA ARG D 6 -17.42 -20.15 10.96
C ARG D 6 -18.22 -19.57 9.80
N LEU D 7 -18.26 -18.25 9.71
CA LEU D 7 -18.96 -17.58 8.61
C LEU D 7 -18.45 -18.08 7.27
N LEU D 8 -17.12 -18.25 7.18
CA LEU D 8 -16.51 -18.79 5.97
C LEU D 8 -16.95 -20.23 5.72
N GLN D 9 -17.08 -21.01 6.79
CA GLN D 9 -17.55 -22.38 6.68
C GLN D 9 -18.99 -22.42 6.17
N ASP D 10 -19.81 -21.49 6.64
CA ASP D 10 -21.20 -21.42 6.24
C ASP D 10 -21.37 -20.59 4.97
C01 1GS E . 14.16 5.48 12.35
C02 1GS E . 13.87 3.99 12.49
C03 1GS E . 14.94 3.40 13.42
C04 1GS E . 13.97 3.35 11.10
N01 1GS E . 13.56 1.91 11.07
N02 1GS E . 12.73 1.47 11.71
C05 1GS E . 12.54 0.16 11.53
C06 1GS E . 11.67 -0.73 12.09
C07 1GS E . 10.72 -0.31 13.08
F01 1GS E . 10.04 -1.36 13.55
F02 1GS E . 11.24 0.33 14.14
F03 1GS E . 9.83 0.55 12.54
C08 1GS E . 11.74 -2.09 11.66
C09 1GS E . 12.68 -2.47 10.68
C10 1GS E . 13.54 -1.47 10.16
C11 1GS E . 13.45 -0.20 10.60
C12 1GS E . 14.11 0.93 10.32
C13 1GS E . 15.10 1.07 9.42
C14 1GS E . 14.85 0.69 8.08
C15 1GS E . 15.88 0.83 7.13
C16 1GS E . 17.14 1.34 7.51
O01 1GS E . 18.11 1.45 6.57
C17 1GS E . 17.41 1.72 8.84
C18 1GS E . 16.38 1.58 9.79
O02 1GS E . 16.61 1.94 11.09
C01 1GS F . -15.73 -0.31 11.10
C02 1GS F . -15.44 1.15 10.74
C03 1GS F . -16.60 1.98 11.27
C04 1GS F . -15.37 1.24 9.22
N01 1GS F . -14.96 2.58 8.67
N02 1GS F . -14.27 3.31 9.22
C05 1GS F . -14.03 4.45 8.54
C06 1GS F . -13.27 5.56 8.81
C07 1GS F . -12.55 5.68 10.02
F01 1GS F . -12.03 6.91 10.13
F02 1GS F . -13.28 5.48 11.14
F03 1GS F . -11.54 4.79 10.08
C08 1GS F . -13.26 6.59 7.83
C09 1GS F . -13.99 6.45 6.63
C10 1GS F . -14.73 5.27 6.43
C11 1GS F . -14.72 4.31 7.39
C12 1GS F . -15.31 3.11 7.49
C13 1GS F . -16.11 2.57 6.56
C14 1GS F . -15.59 2.36 5.27
C15 1GS F . -16.41 1.80 4.28
C16 1GS F . -17.74 1.45 4.57
O01 1GS F . -18.52 0.91 3.61
C17 1GS F . -18.28 1.64 5.86
C18 1GS F . -17.46 2.21 6.85
O02 1GS F . -17.96 2.41 8.11
#